data_5HN0
#
_entry.id   5HN0
#
_cell.length_a   161.400
_cell.length_b   177.850
_cell.length_c   57.730
_cell.angle_alpha   90.000
_cell.angle_beta   90.000
_cell.angle_gamma   90.000
#
_symmetry.space_group_name_H-M   'C 2 2 21'
#
loop_
_entity.id
_entity.type
_entity.pdbx_description
1 polymer 'RNA-directed RNA polymerase NS5'
2 non-polymer 'ZINC ION'
3 non-polymer '(6-hydroxybiphenyl-3-yl)acetic acid'
4 water water
#
_entity_poly.entity_id   1
_entity_poly.type   'polypeptide(L)'
_entity_poly.pdbx_seq_one_letter_code
;GSHMLDNMDVIGERIKRIKEEHNSTWHYDDENPYKTWAYHGSYEVKATGSASSMINGVVKLLTKPWDVVPMVTQMAMTDT
TPFGQQRVFKEKVDTRTPRPLPGTRKVMEITAEWLWRTLGRNKRPRLCTREEFTKKVRTNAAMGAVFTEENQWDSAKAAV
EDEEFWKLVDRERELHKLGKCGSCVYNMMGKREKKLGEFGKAKGSRAIWYMWLGVRYLEFEALGFLNEDHWFSRENSYSG
VEGEGLHKLGYILRDISKIPGGAMYADDTAGWDTRITEDDLHNEEKIIQQMDPEHRQLANAIFKLTYQNKVVKVQRPTPT
GTVMDIISRKDQRGSGQVGTYGLNTFTNMEAQLVRQMEGEGVLTKADLENPHLLEKKITQWLETKGVERLKRMAISGDDC
VVKPIDDRFANALLALNDMGKVRKDIPQWQPSKGWHDWQQVPFCSHHFHELIMKDGRKLVVPCRPQDELIGRARISQGAG
WSLRETACLGKAYAQMWSLMYFHRRDLRLASNAICSAVPVHWVPTSRTTWSIHAHHQWMTTEDMLTVWNRVWIEENPWME
DKTPVTTWENVPYLGKREDQWCGSLIGLTSRATWAQNIPTAIQQVRSLIGNEEFLDYMPSMKRFRKEEESEGAIW
;
_entity_poly.pdbx_strand_id   A
#
# COMPACT_ATOMS: atom_id res chain seq x y z
N ASN A 7 22.52 -17.85 -13.99
CA ASN A 7 22.03 -16.77 -13.11
C ASN A 7 23.18 -16.00 -12.42
N MET A 8 24.33 -16.66 -12.19
CA MET A 8 25.49 -16.09 -11.48
C MET A 8 26.15 -14.92 -12.21
N ASP A 9 26.04 -14.87 -13.55
CA ASP A 9 26.56 -13.79 -14.38
C ASP A 9 25.99 -12.41 -14.02
N VAL A 10 24.73 -12.36 -13.51
CA VAL A 10 24.02 -11.13 -13.15
C VAL A 10 24.09 -10.83 -11.64
N ILE A 11 24.02 -11.87 -10.79
CA ILE A 11 23.95 -11.76 -9.32
C ILE A 11 25.27 -12.00 -8.57
N GLY A 12 26.22 -12.64 -9.23
CA GLY A 12 27.52 -13.04 -8.66
C GLY A 12 28.29 -11.96 -7.93
N GLU A 13 28.45 -10.79 -8.57
CA GLU A 13 29.17 -9.64 -8.01
C GLU A 13 28.56 -9.19 -6.69
N ARG A 14 27.22 -9.13 -6.61
CA ARG A 14 26.49 -8.74 -5.40
C ARG A 14 26.74 -9.69 -4.23
N ILE A 15 26.69 -11.02 -4.47
CA ILE A 15 26.92 -12.02 -3.42
C ILE A 15 28.38 -11.97 -2.98
N LYS A 16 29.34 -11.87 -3.96
CA LYS A 16 30.79 -11.73 -3.74
C LYS A 16 31.09 -10.59 -2.75
N ARG A 17 30.44 -9.43 -2.92
CA ARG A 17 30.63 -8.29 -2.03
C ARG A 17 30.06 -8.52 -0.63
N ILE A 18 29.01 -9.35 -0.50
CA ILE A 18 28.41 -9.68 0.80
C ILE A 18 29.34 -10.69 1.49
N LYS A 19 29.78 -11.71 0.74
CA LYS A 19 30.68 -12.77 1.15
C LYS A 19 32.00 -12.16 1.67
N GLU A 20 32.63 -11.27 0.86
CA GLU A 20 33.87 -10.58 1.24
C GLU A 20 33.67 -9.67 2.47
N GLU A 21 32.57 -8.90 2.52
CA GLU A 21 32.24 -8.01 3.63
C GLU A 21 32.05 -8.79 4.94
N HIS A 22 31.44 -10.00 4.85
CA HIS A 22 31.13 -10.84 5.99
C HIS A 22 31.91 -12.17 6.00
N ASN A 23 33.17 -12.17 5.49
CA ASN A 23 34.03 -13.37 5.43
C ASN A 23 34.43 -13.90 6.81
N SER A 24 34.19 -13.10 7.87
CA SER A 24 34.46 -13.45 9.26
C SER A 24 33.50 -14.55 9.72
N THR A 25 32.21 -14.47 9.28
CA THR A 25 31.15 -15.41 9.66
C THR A 25 30.47 -16.13 8.48
N TRP A 26 30.97 -15.95 7.23
CA TRP A 26 30.38 -16.59 6.04
C TRP A 26 30.49 -18.11 6.04
N HIS A 27 29.34 -18.78 5.88
CA HIS A 27 29.20 -20.24 5.86
C HIS A 27 27.98 -20.66 5.03
N TYR A 28 27.99 -21.90 4.53
CA TYR A 28 26.86 -22.45 3.80
C TYR A 28 26.08 -23.37 4.76
N ASP A 29 24.95 -22.87 5.31
CA ASP A 29 24.07 -23.62 6.19
C ASP A 29 23.30 -24.64 5.32
N ASP A 30 23.73 -25.91 5.33
CA ASP A 30 23.15 -26.99 4.53
C ASP A 30 21.69 -27.36 4.92
N GLU A 31 21.22 -26.84 6.08
CA GLU A 31 19.86 -27.05 6.55
C GLU A 31 19.02 -25.74 6.50
N ASN A 32 19.24 -24.93 5.43
CA ASN A 32 18.50 -23.68 5.16
C ASN A 32 17.08 -24.10 4.68
N PRO A 33 16.02 -23.28 4.89
CA PRO A 33 14.66 -23.76 4.55
C PRO A 33 14.15 -23.46 3.14
N TYR A 34 14.97 -22.82 2.29
CA TYR A 34 14.58 -22.36 0.95
C TYR A 34 14.38 -23.50 -0.02
N LYS A 35 13.21 -23.49 -0.71
CA LYS A 35 12.86 -24.52 -1.69
C LYS A 35 12.74 -23.99 -3.12
N THR A 36 12.21 -22.75 -3.31
CA THR A 36 11.98 -22.16 -4.66
C THR A 36 12.93 -20.97 -4.97
N TRP A 37 13.66 -20.50 -3.96
CA TRP A 37 14.65 -19.43 -4.06
C TRP A 37 16.02 -20.09 -4.00
N ALA A 38 16.99 -19.59 -4.78
CA ALA A 38 18.36 -20.11 -4.73
C ALA A 38 19.01 -19.52 -3.46
N TYR A 39 19.54 -20.38 -2.58
CA TYR A 39 20.21 -19.98 -1.35
C TYR A 39 21.71 -20.00 -1.64
N HIS A 40 22.39 -18.89 -1.34
CA HIS A 40 23.83 -18.75 -1.62
C HIS A 40 24.71 -18.90 -0.36
N GLY A 41 24.23 -18.40 0.77
CA GLY A 41 24.95 -18.53 2.03
C GLY A 41 24.38 -17.70 3.17
N SER A 42 25.08 -17.72 4.31
CA SER A 42 24.70 -17.00 5.53
C SER A 42 25.89 -16.37 6.23
N TYR A 43 25.59 -15.42 7.11
CA TYR A 43 26.53 -14.72 7.99
C TYR A 43 25.77 -14.28 9.26
N GLU A 44 26.46 -14.30 10.41
CA GLU A 44 25.88 -13.94 11.71
C GLU A 44 25.50 -12.48 11.83
N VAL A 45 24.40 -12.19 12.56
CA VAL A 45 23.86 -10.85 12.83
C VAL A 45 23.30 -10.76 14.27
N LYS A 46 22.91 -9.54 14.68
CA LYS A 46 22.33 -9.24 15.99
C LYS A 46 20.79 -9.43 15.90
N ALA A 47 20.07 -9.32 17.04
CA ALA A 47 18.61 -9.49 17.12
C ALA A 47 17.82 -8.23 16.70
N THR A 48 17.09 -8.35 15.56
CA THR A 48 16.26 -7.28 14.98
C THR A 48 14.77 -7.68 15.00
N GLY A 49 13.92 -6.75 15.44
CA GLY A 49 12.47 -6.94 15.54
C GLY A 49 11.96 -7.31 16.92
N SER A 50 10.63 -7.24 17.13
CA SER A 50 9.98 -7.57 18.41
C SER A 50 8.71 -8.42 18.25
N ALA A 51 8.44 -9.28 19.24
CA ALA A 51 7.26 -10.16 19.27
C ALA A 51 5.98 -9.39 19.64
N SER A 52 6.13 -8.24 20.34
CA SER A 52 5.05 -7.33 20.77
C SER A 52 5.36 -5.88 20.38
N SER A 53 4.30 -5.05 20.30
CA SER A 53 4.40 -3.62 19.97
C SER A 53 4.12 -2.76 21.23
N MET A 54 4.83 -1.61 21.39
CA MET A 54 4.63 -0.70 22.54
C MET A 54 3.25 -0.05 22.48
N ILE A 55 2.60 0.06 23.63
CA ILE A 55 1.26 0.62 23.74
C ILE A 55 1.31 2.12 23.97
N ASN A 56 0.45 2.88 23.26
CA ASN A 56 0.33 4.33 23.42
C ASN A 56 -0.54 4.53 24.66
N GLY A 57 0.10 4.89 25.78
CA GLY A 57 -0.57 5.09 27.05
C GLY A 57 -1.61 6.19 27.03
N VAL A 58 -1.43 7.22 26.19
CA VAL A 58 -2.40 8.33 26.08
C VAL A 58 -3.70 7.82 25.47
N VAL A 59 -3.63 7.15 24.30
CA VAL A 59 -4.81 6.60 23.60
C VAL A 59 -5.47 5.51 24.45
N LYS A 60 -4.66 4.62 25.08
CA LYS A 60 -5.18 3.53 25.94
C LYS A 60 -5.97 4.08 27.13
N LEU A 61 -5.43 5.10 27.83
CA LEU A 61 -6.11 5.69 28.98
C LEU A 61 -7.44 6.32 28.61
N LEU A 62 -7.57 6.82 27.35
CA LEU A 62 -8.78 7.48 26.91
C LEU A 62 -9.73 6.54 26.11
N THR A 63 -9.40 5.23 26.03
CA THR A 63 -10.26 4.24 25.33
C THR A 63 -10.39 2.97 26.23
N LYS A 64 -10.75 3.17 27.52
CA LYS A 64 -10.91 2.11 28.53
C LYS A 64 -11.86 0.96 28.08
N PRO A 65 -13.06 1.19 27.50
CA PRO A 65 -13.89 0.06 27.08
C PRO A 65 -13.27 -0.92 26.08
N TRP A 66 -12.19 -0.51 25.39
CA TRP A 66 -11.53 -1.33 24.37
C TRP A 66 -10.36 -2.11 24.93
N ASP A 67 -10.09 -1.97 26.26
CA ASP A 67 -9.09 -2.79 26.93
C ASP A 67 -9.64 -4.26 26.90
N VAL A 68 -10.99 -4.43 26.86
CA VAL A 68 -11.61 -5.75 26.82
C VAL A 68 -12.14 -6.09 25.40
N VAL A 69 -11.33 -5.82 24.35
CA VAL A 69 -11.72 -6.09 22.97
C VAL A 69 -10.65 -6.94 22.26
N PRO A 70 -11.03 -8.16 21.80
CA PRO A 70 -10.06 -9.08 21.19
C PRO A 70 -9.24 -8.55 20.01
N MET A 71 -9.84 -7.82 19.04
CA MET A 71 -9.04 -7.28 17.91
C MET A 71 -8.03 -6.25 18.38
N VAL A 72 -8.40 -5.45 19.40
CA VAL A 72 -7.50 -4.44 19.98
C VAL A 72 -6.25 -5.12 20.55
N THR A 73 -6.41 -6.24 21.29
CA THR A 73 -5.31 -7.05 21.87
C THR A 73 -4.41 -7.68 20.79
N GLN A 74 -5.01 -8.25 19.72
CA GLN A 74 -4.28 -8.88 18.62
C GLN A 74 -3.28 -7.92 17.97
N MET A 75 -3.71 -6.67 17.75
CA MET A 75 -2.87 -5.67 17.10
C MET A 75 -1.66 -5.29 17.97
N ALA A 76 -1.83 -5.32 19.29
CA ALA A 76 -0.78 -5.03 20.28
C ALA A 76 0.39 -6.04 20.23
N MET A 77 0.32 -7.03 19.31
CA MET A 77 1.33 -8.07 19.10
C MET A 77 2.19 -7.75 17.86
N THR A 78 2.03 -8.51 16.75
CA THR A 78 2.76 -8.40 15.46
C THR A 78 4.26 -8.75 15.66
N ASP A 79 4.65 -9.93 15.15
CA ASP A 79 6.00 -10.50 15.22
C ASP A 79 6.90 -9.99 14.08
N THR A 80 7.97 -9.25 14.45
CA THR A 80 8.95 -8.67 13.53
C THR A 80 10.36 -9.27 13.71
N THR A 81 10.50 -10.25 14.65
CA THR A 81 11.74 -10.95 14.96
C THR A 81 12.18 -11.88 13.78
N PRO A 82 13.42 -12.45 13.77
CA PRO A 82 13.80 -13.36 12.67
C PRO A 82 12.90 -14.60 12.56
N PHE A 83 12.26 -15.03 13.68
CA PHE A 83 11.34 -16.16 13.77
C PHE A 83 10.03 -15.86 13.01
N GLY A 84 9.46 -14.68 13.25
CA GLY A 84 8.25 -14.21 12.58
C GLY A 84 8.45 -13.99 11.10
N GLN A 85 9.65 -13.54 10.71
CA GLN A 85 10.10 -13.29 9.33
C GLN A 85 10.16 -14.58 8.52
N GLN A 86 10.64 -15.67 9.15
CA GLN A 86 10.78 -16.99 8.55
C GLN A 86 9.45 -17.71 8.29
N ARG A 87 8.50 -17.62 9.23
CA ARG A 87 7.19 -18.28 9.15
C ARG A 87 6.30 -17.76 8.00
N VAL A 88 6.25 -16.43 7.78
CA VAL A 88 5.48 -15.78 6.71
C VAL A 88 6.12 -16.07 5.33
N PHE A 89 7.46 -16.22 5.30
CA PHE A 89 8.23 -16.55 4.10
C PHE A 89 7.77 -17.90 3.51
N LYS A 90 7.78 -18.97 4.34
CA LYS A 90 7.39 -20.34 3.96
C LYS A 90 6.00 -20.39 3.30
N GLU A 91 5.02 -19.69 3.90
CA GLU A 91 3.61 -19.59 3.51
C GLU A 91 3.36 -19.35 2.00
N LYS A 92 3.75 -18.17 1.48
CA LYS A 92 3.50 -17.81 0.08
C LYS A 92 4.77 -17.48 -0.68
N VAL A 93 5.74 -16.82 -0.01
CA VAL A 93 6.97 -16.36 -0.66
C VAL A 93 7.76 -17.52 -1.31
N ASP A 94 7.87 -18.66 -0.58
CA ASP A 94 8.61 -19.83 -1.05
C ASP A 94 7.76 -20.78 -1.92
N THR A 95 7.13 -20.21 -2.97
CA THR A 95 6.32 -20.98 -3.93
C THR A 95 6.70 -20.62 -5.35
N ARG A 96 6.21 -21.40 -6.29
CA ARG A 96 6.37 -21.22 -7.72
C ARG A 96 4.96 -21.04 -8.32
N THR A 97 4.81 -20.15 -9.30
CA THR A 97 3.51 -19.90 -9.96
C THR A 97 3.58 -20.63 -11.28
N PRO A 98 2.61 -21.53 -11.61
CA PRO A 98 2.70 -22.23 -12.90
C PRO A 98 2.68 -21.22 -14.05
N ARG A 99 3.47 -21.49 -15.07
CA ARG A 99 3.55 -20.59 -16.21
C ARG A 99 2.23 -20.47 -16.97
N PRO A 100 1.75 -19.22 -17.27
CA PRO A 100 0.54 -19.09 -18.06
C PRO A 100 0.67 -19.80 -19.41
N LEU A 101 -0.47 -20.22 -19.96
CA LEU A 101 -0.59 -20.88 -21.26
C LEU A 101 -0.16 -19.95 -22.40
N PRO A 102 0.16 -20.46 -23.62
CA PRO A 102 0.67 -19.55 -24.67
C PRO A 102 -0.32 -18.50 -25.13
N GLY A 103 -1.60 -18.86 -25.25
CA GLY A 103 -2.63 -17.89 -25.64
C GLY A 103 -2.79 -16.82 -24.58
N THR A 104 -2.78 -17.23 -23.29
CA THR A 104 -2.85 -16.29 -22.18
C THR A 104 -1.69 -15.28 -22.29
N ARG A 105 -0.47 -15.77 -22.56
CA ARG A 105 0.72 -14.93 -22.68
C ARG A 105 0.60 -13.94 -23.83
N LYS A 106 -0.02 -14.38 -24.94
CA LYS A 106 -0.24 -13.50 -26.09
C LYS A 106 -1.20 -12.34 -25.72
N VAL A 107 -2.38 -12.64 -25.15
CA VAL A 107 -3.34 -11.63 -24.74
C VAL A 107 -2.69 -10.68 -23.77
N MET A 108 -1.91 -11.21 -22.79
CA MET A 108 -1.30 -10.31 -21.82
C MET A 108 -0.34 -9.35 -22.51
N GLU A 109 0.35 -9.83 -23.55
CA GLU A 109 1.30 -9.03 -24.30
C GLU A 109 0.59 -7.95 -25.10
N ILE A 110 -0.49 -8.32 -25.84
CA ILE A 110 -1.27 -7.32 -26.59
C ILE A 110 -1.86 -6.28 -25.63
N THR A 111 -2.44 -6.72 -24.52
CA THR A 111 -3.04 -5.81 -23.55
C THR A 111 -2.00 -4.88 -22.90
N ALA A 112 -0.84 -5.44 -22.46
CA ALA A 112 0.24 -4.61 -21.88
C ALA A 112 0.74 -3.50 -22.85
N GLU A 113 0.96 -3.86 -24.12
CA GLU A 113 1.42 -2.92 -25.14
C GLU A 113 0.42 -1.80 -25.31
N TRP A 114 -0.88 -2.14 -25.41
CA TRP A 114 -1.94 -1.17 -25.56
C TRP A 114 -2.05 -0.28 -24.32
N LEU A 115 -1.96 -0.88 -23.13
CA LEU A 115 -2.07 -0.17 -21.86
C LEU A 115 -0.94 0.84 -21.67
N TRP A 116 0.31 0.44 -21.91
CA TRP A 116 1.44 1.36 -21.83
C TRP A 116 1.29 2.55 -22.81
N ARG A 117 0.82 2.29 -24.07
CA ARG A 117 0.61 3.40 -25.02
C ARG A 117 -0.46 4.35 -24.50
N THR A 118 -1.56 3.78 -23.97
CA THR A 118 -2.67 4.54 -23.38
C THR A 118 -2.18 5.40 -22.22
N LEU A 119 -1.38 4.81 -21.30
CA LEU A 119 -0.87 5.52 -20.13
C LEU A 119 0.14 6.62 -20.47
N GLY A 120 0.80 6.46 -21.63
CA GLY A 120 1.80 7.42 -22.10
C GLY A 120 1.32 8.30 -23.24
N ARG A 121 0.00 8.48 -23.39
CA ARG A 121 -0.58 9.31 -24.46
C ARG A 121 -0.30 10.83 -24.25
N ASN A 122 -0.14 11.29 -22.97
CA ASN A 122 0.10 12.70 -22.65
C ASN A 122 1.40 12.89 -21.90
N LYS A 123 1.81 11.90 -21.10
CA LYS A 123 3.04 11.98 -20.32
C LYS A 123 4.18 11.26 -21.03
N ARG A 124 5.39 11.76 -20.85
CA ARG A 124 6.58 11.13 -21.37
C ARG A 124 7.40 10.69 -20.16
N PRO A 125 7.94 9.46 -20.15
CA PRO A 125 8.80 9.08 -19.02
C PRO A 125 10.00 10.01 -18.87
N ARG A 126 10.53 10.13 -17.66
CA ARG A 126 11.70 10.96 -17.36
C ARG A 126 12.44 10.41 -16.16
N LEU A 127 13.72 10.78 -16.02
CA LEU A 127 14.54 10.38 -14.89
C LEU A 127 14.19 11.24 -13.69
N CYS A 128 14.22 10.64 -12.51
CA CYS A 128 14.03 11.39 -11.29
C CYS A 128 15.43 11.72 -10.76
N THR A 129 15.54 12.72 -9.87
CA THR A 129 16.82 13.32 -9.47
C THR A 129 17.22 13.12 -8.02
N ARG A 130 18.50 13.43 -7.72
CA ARG A 130 19.10 13.42 -6.37
C ARG A 130 18.32 14.43 -5.46
N GLU A 131 17.96 15.59 -6.03
CA GLU A 131 17.23 16.67 -5.35
C GLU A 131 15.82 16.24 -4.97
N GLU A 132 15.08 15.59 -5.90
CA GLU A 132 13.74 15.05 -5.64
C GLU A 132 13.78 14.06 -4.48
N PHE A 133 14.73 13.11 -4.54
CA PHE A 133 14.91 12.08 -3.51
C PHE A 133 15.24 12.67 -2.14
N THR A 134 16.11 13.71 -2.12
CA THR A 134 16.56 14.46 -0.95
C THR A 134 15.36 15.16 -0.32
N LYS A 135 14.60 15.94 -1.11
CA LYS A 135 13.38 16.64 -0.68
C LYS A 135 12.37 15.64 -0.07
N LYS A 136 12.20 14.46 -0.73
CA LYS A 136 11.31 13.38 -0.30
C LYS A 136 11.77 12.79 1.03
N VAL A 137 13.07 12.47 1.16
CA VAL A 137 13.65 11.93 2.39
C VAL A 137 13.46 12.93 3.56
N ARG A 138 13.75 14.24 3.30
CA ARG A 138 13.64 15.34 4.27
C ARG A 138 12.21 15.51 4.80
N THR A 139 11.23 15.71 3.89
CA THR A 139 9.81 15.91 4.21
C THR A 139 9.18 14.71 4.93
N ASN A 140 9.71 13.49 4.72
CA ASN A 140 9.21 12.28 5.37
C ASN A 140 9.90 12.00 6.73
N ALA A 141 11.12 12.54 6.95
CA ALA A 141 11.88 12.39 8.19
C ALA A 141 11.37 13.36 9.28
N ALA A 142 10.65 14.43 8.87
CA ALA A 142 10.07 15.45 9.75
C ALA A 142 8.55 15.30 9.85
N ASP A 154 15.83 8.89 9.76
CA ASP A 154 16.86 9.54 10.57
C ASP A 154 18.26 9.35 9.96
N SER A 155 18.70 8.08 9.80
CA SER A 155 19.99 7.75 9.20
C SER A 155 19.94 7.94 7.68
N ALA A 156 18.71 8.02 7.11
CA ALA A 156 18.48 8.24 5.68
C ALA A 156 18.75 9.71 5.34
N LYS A 157 18.37 10.64 6.25
CA LYS A 157 18.58 12.08 6.11
C LYS A 157 20.07 12.42 6.28
N ALA A 158 20.79 11.62 7.09
CA ALA A 158 22.22 11.75 7.32
C ALA A 158 22.99 11.34 6.07
N ALA A 159 22.56 10.23 5.43
CA ALA A 159 23.11 9.66 4.20
C ALA A 159 22.95 10.64 3.03
N VAL A 160 21.75 11.23 2.90
CA VAL A 160 21.33 12.19 1.88
C VAL A 160 22.16 13.50 1.96
N GLU A 161 22.59 13.87 3.18
CA GLU A 161 23.38 15.07 3.47
C GLU A 161 24.90 14.83 3.34
N ASP A 162 25.31 13.56 3.22
CA ASP A 162 26.69 13.12 3.04
C ASP A 162 26.99 12.99 1.55
N GLU A 163 28.04 13.66 1.07
CA GLU A 163 28.50 13.64 -0.32
C GLU A 163 29.10 12.29 -0.70
N GLU A 164 29.63 11.54 0.29
CA GLU A 164 30.20 10.21 0.04
C GLU A 164 29.15 9.16 -0.35
N PHE A 165 27.88 9.34 0.08
CA PHE A 165 26.76 8.45 -0.28
C PHE A 165 26.48 8.58 -1.79
N TRP A 166 26.39 9.83 -2.27
CA TRP A 166 26.14 10.18 -3.66
C TRP A 166 27.28 9.75 -4.59
N LYS A 167 28.52 9.68 -4.05
CA LYS A 167 29.67 9.19 -4.82
C LYS A 167 29.55 7.68 -5.02
N LEU A 168 28.96 6.98 -4.04
CA LEU A 168 28.70 5.54 -4.16
C LEU A 168 27.58 5.31 -5.18
N VAL A 169 26.54 6.16 -5.16
CA VAL A 169 25.42 6.12 -6.11
C VAL A 169 25.99 6.17 -7.52
N ASP A 170 26.89 7.18 -7.78
CA ASP A 170 27.54 7.37 -9.07
C ASP A 170 28.31 6.15 -9.52
N ARG A 171 29.03 5.51 -8.58
CA ARG A 171 29.81 4.29 -8.87
C ARG A 171 28.88 3.14 -9.24
N GLU A 172 27.75 2.95 -8.49
CA GLU A 172 26.79 1.89 -8.81
C GLU A 172 26.14 2.15 -10.18
N ARG A 173 25.71 3.38 -10.45
CA ARG A 173 25.15 3.79 -11.75
C ARG A 173 26.09 3.44 -12.90
N GLU A 174 27.40 3.74 -12.76
CA GLU A 174 28.39 3.42 -13.79
C GLU A 174 28.41 1.91 -14.10
N LEU A 175 28.29 1.05 -13.06
CA LEU A 175 28.14 -0.40 -13.27
C LEU A 175 26.83 -0.69 -14.05
N HIS A 176 25.70 -0.04 -13.67
CA HIS A 176 24.39 -0.23 -14.32
C HIS A 176 24.44 0.07 -15.80
N LYS A 177 25.19 1.14 -16.17
CA LYS A 177 25.39 1.56 -17.57
C LYS A 177 26.17 0.53 -18.36
N LEU A 178 26.96 -0.28 -17.65
CA LEU A 178 27.75 -1.40 -18.18
C LEU A 178 26.96 -2.72 -18.11
N GLY A 179 25.75 -2.68 -17.55
CA GLY A 179 24.89 -3.85 -17.43
C GLY A 179 25.30 -4.72 -16.26
N LYS A 180 25.88 -4.10 -15.24
CA LYS A 180 26.37 -4.80 -14.07
C LYS A 180 25.75 -4.22 -12.84
N CYS A 181 25.75 -5.00 -11.77
CA CYS A 181 25.22 -4.59 -10.48
C CYS A 181 26.16 -5.12 -9.41
N GLY A 182 26.47 -4.31 -8.43
CA GLY A 182 27.38 -4.73 -7.36
C GLY A 182 26.86 -4.60 -5.96
N SER A 183 25.85 -3.76 -5.75
CA SER A 183 25.35 -3.57 -4.39
C SER A 183 23.83 -3.47 -4.24
N CYS A 184 23.04 -3.70 -5.31
CA CYS A 184 21.57 -3.54 -5.20
C CYS A 184 20.90 -4.81 -4.67
N VAL A 185 20.76 -4.83 -3.36
CA VAL A 185 20.26 -5.97 -2.58
C VAL A 185 19.04 -5.52 -1.79
N TYR A 186 17.92 -6.22 -2.00
CA TYR A 186 16.63 -5.98 -1.35
C TYR A 186 16.60 -6.75 -0.01
N ASN A 187 15.95 -6.19 1.01
CA ASN A 187 15.85 -6.78 2.35
C ASN A 187 14.40 -7.16 2.73
N MET A 188 14.24 -8.23 3.52
CA MET A 188 12.91 -8.71 3.95
C MET A 188 12.46 -8.08 5.27
N SER A 205 28.36 -0.09 9.73
CA SER A 205 26.94 0.24 9.82
C SER A 205 26.44 0.93 8.54
N ARG A 206 27.05 2.09 8.17
CA ARG A 206 26.67 2.88 7.00
C ARG A 206 27.09 2.24 5.66
N ALA A 207 28.06 1.29 5.67
CA ALA A 207 28.55 0.61 4.46
C ALA A 207 27.42 -0.12 3.70
N ILE A 208 26.75 -1.10 4.36
CA ILE A 208 25.63 -1.86 3.80
C ILE A 208 24.36 -0.99 3.69
N TRP A 209 24.19 -0.02 4.62
CA TRP A 209 23.06 0.91 4.65
C TRP A 209 23.04 1.84 3.42
N TYR A 210 24.22 2.40 3.04
CA TYR A 210 24.39 3.29 1.88
C TYR A 210 24.14 2.53 0.60
N MET A 211 24.46 1.23 0.60
CA MET A 211 24.23 0.32 -0.53
C MET A 211 22.74 0.09 -0.74
N TRP A 212 21.94 0.05 0.36
CA TRP A 212 20.50 -0.13 0.31
C TRP A 212 19.80 1.14 -0.15
N LEU A 213 20.03 2.29 0.53
CA LEU A 213 19.43 3.57 0.17
C LEU A 213 19.84 4.03 -1.24
N GLY A 214 21.06 3.66 -1.65
CA GLY A 214 21.63 3.93 -2.96
C GLY A 214 20.94 3.11 -4.03
N VAL A 215 20.57 1.86 -3.66
CA VAL A 215 19.81 0.95 -4.51
C VAL A 215 18.41 1.52 -4.71
N ARG A 216 17.76 2.02 -3.64
CA ARG A 216 16.45 2.67 -3.69
C ARG A 216 16.50 3.95 -4.49
N TYR A 217 17.58 4.76 -4.32
CA TYR A 217 17.72 5.97 -5.14
C TYR A 217 17.82 5.62 -6.64
N LEU A 218 18.66 4.67 -7.01
CA LEU A 218 18.79 4.28 -8.42
C LEU A 218 17.48 3.77 -9.01
N GLU A 219 16.69 3.05 -8.20
CA GLU A 219 15.39 2.54 -8.61
C GLU A 219 14.46 3.73 -8.84
N PHE A 220 14.47 4.67 -7.88
CA PHE A 220 13.70 5.90 -7.91
C PHE A 220 14.06 6.77 -9.11
N GLU A 221 15.36 6.90 -9.39
CA GLU A 221 15.89 7.64 -10.52
C GLU A 221 15.29 7.13 -11.85
N ALA A 222 15.30 5.81 -12.04
CA ALA A 222 14.81 5.16 -13.26
C ALA A 222 13.29 4.93 -13.36
N LEU A 223 12.63 4.62 -12.23
CA LEU A 223 11.18 4.29 -12.28
C LEU A 223 10.27 5.21 -11.49
N GLY A 224 10.86 6.17 -10.77
CA GLY A 224 10.13 7.11 -9.93
C GLY A 224 9.10 7.95 -10.64
N PHE A 225 9.31 8.24 -11.97
CA PHE A 225 8.36 9.06 -12.77
C PHE A 225 6.92 8.51 -12.66
N LEU A 226 6.75 7.19 -12.45
CA LEU A 226 5.41 6.59 -12.36
C LEU A 226 4.62 7.19 -11.20
N ASN A 227 5.29 7.38 -10.03
CA ASN A 227 4.65 7.98 -8.86
C ASN A 227 4.70 9.50 -8.94
N GLU A 228 5.91 10.07 -9.16
CA GLU A 228 6.16 11.52 -9.17
C GLU A 228 5.35 12.26 -10.19
N ASP A 229 5.17 11.66 -11.37
CA ASP A 229 4.39 12.29 -12.43
C ASP A 229 2.99 11.71 -12.56
N HIS A 230 2.50 11.03 -11.50
CA HIS A 230 1.14 10.52 -11.37
C HIS A 230 0.60 9.77 -12.61
N TRP A 231 1.36 8.75 -13.08
CA TRP A 231 0.89 7.95 -14.23
C TRP A 231 -0.39 7.19 -13.91
N PHE A 232 -0.59 6.88 -12.62
CA PHE A 232 -1.72 6.09 -12.14
C PHE A 232 -2.81 6.96 -11.48
N SER A 233 -2.78 8.26 -11.78
CA SER A 233 -3.85 9.16 -11.33
C SER A 233 -5.10 8.67 -12.09
N ARG A 234 -6.31 9.02 -11.62
CA ARG A 234 -7.52 8.61 -12.31
C ARG A 234 -7.63 9.28 -13.68
N GLU A 235 -7.24 10.56 -13.79
CA GLU A 235 -7.31 11.25 -15.11
C GLU A 235 -6.38 10.58 -16.11
N ASN A 236 -5.16 10.20 -15.67
CA ASN A 236 -4.23 9.57 -16.60
C ASN A 236 -4.50 8.10 -16.93
N SER A 237 -4.88 7.32 -15.92
CA SER A 237 -5.03 5.87 -16.08
C SER A 237 -6.44 5.34 -16.21
N TYR A 238 -7.47 6.17 -15.87
CA TYR A 238 -8.91 5.82 -15.88
C TYR A 238 -9.31 4.92 -14.72
N SER A 239 -8.58 3.79 -14.50
CA SER A 239 -8.85 2.82 -13.43
C SER A 239 -8.15 3.20 -12.13
N GLY A 240 -7.02 3.88 -12.27
CA GLY A 240 -6.18 4.24 -11.13
C GLY A 240 -6.77 5.23 -10.16
N VAL A 241 -6.22 5.29 -8.98
CA VAL A 241 -6.68 6.19 -7.92
C VAL A 241 -5.49 6.88 -7.23
N GLU A 242 -4.30 6.82 -7.83
CA GLU A 242 -3.09 7.37 -7.24
C GLU A 242 -3.20 8.89 -7.08
N GLY A 243 -2.91 9.36 -5.87
CA GLY A 243 -3.03 10.77 -5.50
C GLY A 243 -4.43 11.20 -5.15
N GLU A 244 -5.44 10.33 -5.33
CA GLU A 244 -6.83 10.74 -5.06
C GLU A 244 -7.08 11.00 -3.58
N GLY A 245 -6.63 10.09 -2.72
CA GLY A 245 -6.85 10.21 -1.29
C GLY A 245 -8.04 9.41 -0.85
N LEU A 246 -7.98 8.85 0.38
CA LEU A 246 -9.02 8.01 0.98
C LEU A 246 -10.38 8.69 0.94
N HIS A 247 -10.44 10.02 1.18
CA HIS A 247 -11.66 10.83 1.19
C HIS A 247 -12.33 10.91 -0.19
N LYS A 248 -11.62 10.52 -1.28
CA LYS A 248 -12.20 10.53 -2.63
C LYS A 248 -12.60 9.14 -3.15
N LEU A 249 -12.07 8.06 -2.56
CA LEU A 249 -12.30 6.67 -3.05
C LEU A 249 -13.74 6.25 -3.04
N GLY A 250 -14.50 6.65 -2.03
CA GLY A 250 -15.92 6.31 -1.95
C GLY A 250 -16.71 6.98 -3.03
N TYR A 251 -16.41 8.27 -3.26
CA TYR A 251 -17.05 9.02 -4.34
C TYR A 251 -16.75 8.36 -5.68
N ILE A 252 -15.51 7.90 -5.89
CA ILE A 252 -15.10 7.20 -7.13
C ILE A 252 -15.93 5.89 -7.29
N LEU A 253 -16.10 5.13 -6.19
CA LEU A 253 -16.90 3.89 -6.20
C LEU A 253 -18.38 4.21 -6.52
N ARG A 254 -18.91 5.34 -5.98
CA ARG A 254 -20.30 5.71 -6.28
C ARG A 254 -20.43 6.10 -7.74
N ASP A 255 -19.44 6.80 -8.31
CA ASP A 255 -19.47 7.13 -9.74
C ASP A 255 -19.45 5.87 -10.62
N ILE A 256 -18.59 4.86 -10.30
CA ILE A 256 -18.54 3.56 -10.98
C ILE A 256 -19.93 2.88 -10.91
N SER A 257 -20.59 2.94 -9.73
CA SER A 257 -21.93 2.33 -9.58
C SER A 257 -23.00 2.89 -10.58
N LYS A 258 -22.78 4.08 -11.15
CA LYS A 258 -23.70 4.73 -12.11
C LYS A 258 -23.55 4.16 -13.50
N ILE A 259 -22.43 3.47 -13.77
CA ILE A 259 -22.18 2.90 -15.10
C ILE A 259 -23.06 1.67 -15.31
N PRO A 260 -23.87 1.60 -16.38
CA PRO A 260 -24.69 0.39 -16.61
C PRO A 260 -23.81 -0.87 -16.74
N GLY A 261 -24.26 -1.95 -16.12
CA GLY A 261 -23.59 -3.25 -16.17
C GLY A 261 -24.05 -4.19 -15.10
N GLY A 262 -23.22 -5.18 -14.80
CA GLY A 262 -23.50 -6.17 -13.77
C GLY A 262 -23.13 -5.65 -12.41
N ALA A 263 -22.98 -6.55 -11.45
CA ALA A 263 -22.57 -6.24 -10.07
C ALA A 263 -21.14 -5.65 -10.04
N MET A 264 -20.75 -5.11 -8.86
CA MET A 264 -19.40 -4.61 -8.68
C MET A 264 -18.63 -5.73 -7.96
N TYR A 265 -17.52 -6.19 -8.58
CA TYR A 265 -16.67 -7.29 -8.09
C TYR A 265 -15.40 -6.76 -7.48
N ALA A 266 -15.00 -7.27 -6.34
CA ALA A 266 -13.79 -6.80 -5.68
C ALA A 266 -13.06 -8.01 -5.11
N ASP A 267 -12.52 -8.85 -6.01
CA ASP A 267 -11.86 -10.09 -5.60
C ASP A 267 -10.46 -9.86 -5.12
N ASP A 268 -10.14 -10.50 -4.01
CA ASP A 268 -8.82 -10.45 -3.38
C ASP A 268 -7.94 -11.55 -3.98
N THR A 269 -6.70 -11.22 -4.38
CA THR A 269 -5.72 -12.21 -4.89
C THR A 269 -4.93 -12.72 -3.67
N ALA A 270 -4.65 -14.04 -3.58
CA ALA A 270 -3.83 -14.60 -2.49
C ALA A 270 -2.35 -14.24 -2.80
N GLY A 271 -1.76 -13.41 -1.93
CA GLY A 271 -0.36 -12.98 -2.04
C GLY A 271 0.07 -12.52 -3.41
N TRP A 272 -0.59 -11.46 -3.93
CA TRP A 272 -0.34 -10.86 -5.24
C TRP A 272 1.13 -10.79 -5.63
N ASP A 273 1.99 -10.26 -4.73
CA ASP A 273 3.44 -10.08 -5.03
C ASP A 273 4.15 -11.38 -5.37
N THR A 274 3.70 -12.51 -4.79
CA THR A 274 4.29 -13.83 -5.06
C THR A 274 3.79 -14.37 -6.42
N ARG A 275 2.70 -13.79 -6.97
CA ARG A 275 2.06 -14.24 -8.21
C ARG A 275 2.47 -13.44 -9.43
N ILE A 276 3.41 -12.50 -9.24
CA ILE A 276 3.96 -11.73 -10.35
C ILE A 276 4.92 -12.68 -11.10
N THR A 277 4.57 -13.03 -12.33
CA THR A 277 5.34 -13.97 -13.14
C THR A 277 6.47 -13.31 -13.93
N GLU A 278 7.34 -14.15 -14.56
CA GLU A 278 8.40 -13.65 -15.45
C GLU A 278 7.73 -13.03 -16.68
N ASP A 279 6.56 -13.55 -17.06
CA ASP A 279 5.82 -12.95 -18.19
C ASP A 279 5.28 -11.59 -17.80
N ASP A 280 4.78 -11.41 -16.55
CA ASP A 280 4.32 -10.09 -16.09
C ASP A 280 5.47 -9.06 -16.13
N LEU A 281 6.63 -9.40 -15.56
CA LEU A 281 7.86 -8.58 -15.52
C LEU A 281 8.30 -8.15 -16.89
N HIS A 282 8.21 -9.05 -17.89
CA HIS A 282 8.60 -8.71 -19.23
CA HIS A 282 8.55 -8.80 -19.30
C HIS A 282 7.57 -7.79 -19.89
N ASN A 283 6.29 -7.84 -19.45
CA ASN A 283 5.24 -6.95 -19.96
C ASN A 283 5.37 -5.57 -19.35
N GLU A 284 5.71 -5.52 -18.05
CA GLU A 284 5.89 -4.29 -17.31
C GLU A 284 7.08 -3.52 -17.90
N GLU A 285 8.10 -4.25 -18.38
CA GLU A 285 9.36 -3.71 -18.92
C GLU A 285 9.16 -2.87 -20.18
N LYS A 286 8.09 -3.12 -20.93
CA LYS A 286 7.74 -2.44 -22.19
C LYS A 286 7.62 -0.90 -22.08
N ILE A 287 7.51 -0.37 -20.86
CA ILE A 287 7.49 1.06 -20.64
C ILE A 287 8.81 1.69 -21.14
N ILE A 288 9.93 0.94 -21.06
CA ILE A 288 11.26 1.42 -21.49
C ILE A 288 11.26 1.89 -22.97
N GLN A 289 10.34 1.38 -23.81
CA GLN A 289 10.21 1.75 -25.22
C GLN A 289 9.87 3.22 -25.44
N GLN A 290 9.29 3.87 -24.43
CA GLN A 290 8.86 5.28 -24.49
C GLN A 290 9.93 6.21 -23.87
N MET A 291 11.04 5.63 -23.42
CA MET A 291 12.04 6.42 -22.74
C MET A 291 13.11 6.98 -23.65
N ASP A 292 13.78 8.05 -23.18
CA ASP A 292 14.94 8.63 -23.86
C ASP A 292 16.10 7.65 -23.71
N PRO A 293 17.07 7.63 -24.66
CA PRO A 293 18.15 6.62 -24.58
C PRO A 293 18.89 6.51 -23.24
N GLU A 294 19.26 7.65 -22.64
CA GLU A 294 19.95 7.64 -21.34
C GLU A 294 19.06 7.09 -20.17
N HIS A 295 17.74 7.34 -20.26
CA HIS A 295 16.78 6.88 -19.26
C HIS A 295 16.54 5.38 -19.48
N ARG A 296 16.26 4.98 -20.74
CA ARG A 296 16.04 3.60 -21.15
C ARG A 296 17.14 2.69 -20.62
N GLN A 297 18.42 3.13 -20.72
CA GLN A 297 19.59 2.39 -20.26
C GLN A 297 19.54 2.09 -18.77
N LEU A 298 19.18 3.09 -17.96
CA LEU A 298 19.12 2.93 -16.50
C LEU A 298 17.88 2.16 -16.03
N ALA A 299 16.73 2.33 -16.74
CA ALA A 299 15.52 1.60 -16.37
C ALA A 299 15.70 0.14 -16.75
N ASN A 300 16.36 -0.10 -17.89
CA ASN A 300 16.66 -1.47 -18.34
C ASN A 300 17.55 -2.19 -17.33
N ALA A 301 18.51 -1.48 -16.75
CA ALA A 301 19.38 -2.08 -15.73
C ALA A 301 18.56 -2.38 -14.46
N ILE A 302 17.61 -1.50 -14.08
CA ILE A 302 16.75 -1.79 -12.92
C ILE A 302 15.89 -3.06 -13.20
N PHE A 303 15.23 -3.11 -14.38
CA PHE A 303 14.39 -4.22 -14.78
C PHE A 303 15.12 -5.56 -14.86
N LYS A 304 16.22 -5.60 -15.61
CA LYS A 304 16.97 -6.82 -15.86
C LYS A 304 17.82 -7.28 -14.68
N LEU A 305 18.38 -6.36 -13.89
CA LEU A 305 19.30 -6.74 -12.80
C LEU A 305 18.70 -6.76 -11.41
N THR A 306 17.63 -5.99 -11.16
CA THR A 306 17.06 -5.91 -9.81
C THR A 306 15.61 -6.45 -9.73
N TYR A 307 14.87 -6.50 -10.85
CA TYR A 307 13.49 -7.02 -10.85
C TYR A 307 13.42 -8.43 -11.39
N GLN A 308 14.00 -8.68 -12.57
CA GLN A 308 13.99 -9.96 -13.27
C GLN A 308 15.07 -10.92 -12.77
N ASN A 309 15.97 -10.41 -11.93
CA ASN A 309 17.04 -11.11 -11.22
C ASN A 309 17.11 -10.37 -9.93
N LYS A 310 17.15 -11.05 -8.80
CA LYS A 310 17.20 -10.31 -7.54
C LYS A 310 17.97 -11.06 -6.48
N VAL A 311 18.67 -10.31 -5.60
CA VAL A 311 19.47 -10.81 -4.50
C VAL A 311 18.80 -10.26 -3.25
N VAL A 312 18.38 -11.15 -2.34
CA VAL A 312 17.63 -10.79 -1.13
C VAL A 312 18.36 -11.24 0.13
N LYS A 313 18.24 -10.43 1.20
CA LYS A 313 18.76 -10.67 2.55
C LYS A 313 17.54 -11.01 3.41
N VAL A 314 17.60 -12.10 4.18
CA VAL A 314 16.48 -12.50 5.06
C VAL A 314 17.02 -13.06 6.38
N GLN A 315 16.58 -12.47 7.50
CA GLN A 315 16.99 -12.86 8.85
C GLN A 315 16.38 -14.19 9.27
N ARG A 316 17.21 -15.05 9.88
CA ARG A 316 16.78 -16.38 10.32
C ARG A 316 17.41 -16.81 11.67
N PRO A 317 16.59 -17.23 12.65
CA PRO A 317 17.16 -17.74 13.90
C PRO A 317 17.66 -19.18 13.72
N THR A 318 18.71 -19.53 14.46
CA THR A 318 19.35 -20.85 14.43
C THR A 318 19.64 -21.31 15.88
N PRO A 319 19.97 -22.61 16.17
CA PRO A 319 20.31 -22.98 17.56
C PRO A 319 21.55 -22.20 18.07
N THR A 320 22.44 -21.78 17.14
CA THR A 320 23.64 -20.99 17.39
C THR A 320 23.33 -19.51 17.67
N GLY A 321 22.22 -19.00 17.14
CA GLY A 321 21.78 -17.62 17.34
C GLY A 321 20.88 -17.07 16.25
N THR A 322 21.42 -16.13 15.42
CA THR A 322 20.70 -15.48 14.30
C THR A 322 21.65 -15.29 13.11
N VAL A 323 21.17 -15.62 11.90
CA VAL A 323 21.94 -15.45 10.66
C VAL A 323 21.15 -14.66 9.63
N MET A 324 21.85 -14.11 8.62
CA MET A 324 21.26 -13.38 7.49
C MET A 324 21.52 -14.22 6.25
N ASP A 325 20.44 -14.68 5.61
CA ASP A 325 20.51 -15.54 4.41
C ASP A 325 20.52 -14.72 3.15
N ILE A 326 21.35 -15.14 2.19
CA ILE A 326 21.45 -14.50 0.89
C ILE A 326 20.79 -15.44 -0.10
N ILE A 327 19.63 -15.02 -0.64
CA ILE A 327 18.80 -15.79 -1.58
C ILE A 327 18.54 -15.02 -2.86
N SER A 328 18.05 -15.73 -3.89
CA SER A 328 17.76 -15.13 -5.18
C SER A 328 16.68 -15.85 -5.97
N ARG A 329 15.98 -15.13 -6.88
CA ARG A 329 15.00 -15.68 -7.83
C ARG A 329 14.78 -14.74 -9.01
N LYS A 330 14.12 -15.23 -10.07
CA LYS A 330 13.90 -14.48 -11.30
C LYS A 330 12.48 -13.87 -11.46
N ASP A 331 11.51 -14.28 -10.62
CA ASP A 331 10.16 -13.74 -10.64
C ASP A 331 9.71 -13.28 -9.28
N GLN A 332 8.41 -12.93 -9.15
CA GLN A 332 7.82 -12.31 -7.96
C GLN A 332 8.22 -10.85 -7.90
N ARG A 333 7.58 -10.12 -7.00
CA ARG A 333 7.79 -8.72 -6.80
C ARG A 333 8.43 -8.48 -5.44
N GLY A 334 9.42 -7.60 -5.40
CA GLY A 334 10.02 -7.15 -4.16
C GLY A 334 9.10 -6.13 -3.54
N SER A 335 8.37 -6.52 -2.48
CA SER A 335 7.35 -5.70 -1.80
C SER A 335 7.80 -4.28 -1.35
N GLY A 336 9.06 -4.15 -0.93
CA GLY A 336 9.60 -2.87 -0.48
C GLY A 336 10.45 -2.20 -1.53
N GLN A 337 9.85 -1.89 -2.69
CA GLN A 337 10.52 -1.24 -3.82
C GLN A 337 9.70 -0.06 -4.33
N VAL A 338 10.40 0.91 -4.94
CA VAL A 338 9.84 2.15 -5.50
C VAL A 338 8.70 1.89 -6.51
N GLY A 339 8.97 1.01 -7.49
CA GLY A 339 8.06 0.72 -8.59
C GLY A 339 6.94 -0.25 -8.33
N THR A 340 6.93 -0.89 -7.15
CA THR A 340 5.99 -1.92 -6.73
C THR A 340 4.53 -1.52 -6.89
N TYR A 341 4.12 -0.40 -6.27
CA TYR A 341 2.74 0.08 -6.36
C TYR A 341 2.25 0.28 -7.79
N GLY A 342 3.00 1.05 -8.59
CA GLY A 342 2.69 1.38 -9.98
C GLY A 342 2.68 0.17 -10.88
N LEU A 343 3.70 -0.70 -10.77
CA LEU A 343 3.78 -1.91 -11.59
C LEU A 343 2.72 -2.95 -11.22
N ASN A 344 2.30 -2.97 -9.94
CA ASN A 344 1.19 -3.84 -9.52
C ASN A 344 -0.11 -3.29 -10.06
N THR A 345 -0.26 -1.94 -10.06
CA THR A 345 -1.46 -1.26 -10.57
C THR A 345 -1.59 -1.56 -12.03
N PHE A 346 -0.46 -1.38 -12.77
CA PHE A 346 -0.39 -1.66 -14.20
C PHE A 346 -0.85 -3.12 -14.51
N THR A 347 -0.19 -4.11 -13.88
CA THR A 347 -0.43 -5.54 -14.13
C THR A 347 -1.87 -5.92 -13.70
N ASN A 348 -2.37 -5.32 -12.60
CA ASN A 348 -3.76 -5.56 -12.20
C ASN A 348 -4.78 -4.96 -13.19
N MET A 349 -4.52 -3.75 -13.74
CA MET A 349 -5.43 -3.17 -14.77
C MET A 349 -5.46 -4.09 -15.99
N GLU A 350 -4.27 -4.57 -16.40
CA GLU A 350 -4.12 -5.50 -17.51
C GLU A 350 -4.91 -6.80 -17.24
N ALA A 351 -4.69 -7.44 -16.08
CA ALA A 351 -5.33 -8.70 -15.71
C ALA A 351 -6.87 -8.55 -15.68
N GLN A 352 -7.38 -7.38 -15.20
CA GLN A 352 -8.82 -7.15 -15.14
C GLN A 352 -9.45 -6.93 -16.51
N LEU A 353 -8.73 -6.27 -17.42
CA LEU A 353 -9.20 -6.08 -18.80
C LEU A 353 -9.34 -7.45 -19.49
N VAL A 354 -8.33 -8.34 -19.28
CA VAL A 354 -8.31 -9.72 -19.79
C VAL A 354 -9.52 -10.50 -19.24
N ARG A 355 -9.79 -10.39 -17.91
CA ARG A 355 -10.96 -11.04 -17.30
C ARG A 355 -12.28 -10.50 -17.90
N GLN A 356 -12.33 -9.16 -18.12
CA GLN A 356 -13.47 -8.50 -18.74
C GLN A 356 -13.71 -9.07 -20.14
N MET A 357 -12.63 -9.22 -20.97
CA MET A 357 -12.68 -9.84 -22.33
C MET A 357 -13.25 -11.24 -22.30
N GLU A 358 -12.81 -12.07 -21.33
CA GLU A 358 -13.30 -13.44 -21.17
C GLU A 358 -14.78 -13.46 -20.77
N GLY A 359 -15.17 -12.55 -19.88
CA GLY A 359 -16.55 -12.42 -19.46
C GLY A 359 -17.44 -12.09 -20.63
N GLU A 360 -16.93 -11.27 -21.57
CA GLU A 360 -17.68 -10.88 -22.77
C GLU A 360 -17.63 -11.89 -23.93
N GLY A 361 -16.94 -13.01 -23.72
CA GLY A 361 -16.81 -14.04 -24.73
C GLY A 361 -15.78 -13.74 -25.80
N VAL A 362 -14.98 -12.68 -25.64
CA VAL A 362 -13.89 -12.33 -26.58
C VAL A 362 -12.79 -13.40 -26.48
N LEU A 363 -12.54 -13.91 -25.26
CA LEU A 363 -11.54 -14.95 -25.04
C LEU A 363 -12.18 -16.20 -24.53
N THR A 364 -11.93 -17.33 -25.20
CA THR A 364 -12.45 -18.66 -24.88
C THR A 364 -11.32 -19.51 -24.29
N LYS A 365 -11.65 -20.70 -23.78
CA LYS A 365 -10.68 -21.68 -23.26
C LYS A 365 -9.64 -22.02 -24.39
N ALA A 366 -10.16 -22.26 -25.63
CA ALA A 366 -9.36 -22.57 -26.83
C ALA A 366 -8.41 -21.44 -27.15
N ASP A 367 -8.86 -20.17 -27.00
CA ASP A 367 -7.97 -19.02 -27.24
C ASP A 367 -6.77 -19.02 -26.30
N LEU A 368 -7.00 -19.30 -24.99
CA LEU A 368 -5.94 -19.28 -23.98
C LEU A 368 -4.87 -20.37 -24.17
N GLU A 369 -5.24 -21.52 -24.74
CA GLU A 369 -4.24 -22.60 -24.92
C GLU A 369 -3.51 -22.45 -26.26
N ASN A 370 -4.07 -21.61 -27.14
CA ASN A 370 -3.60 -21.43 -28.49
C ASN A 370 -2.30 -20.63 -28.60
N PRO A 371 -1.20 -21.26 -29.10
CA PRO A 371 0.07 -20.54 -29.29
C PRO A 371 0.06 -19.63 -30.52
N HIS A 372 -0.99 -19.70 -31.34
CA HIS A 372 -1.17 -18.99 -32.61
C HIS A 372 -2.48 -18.19 -32.60
N LEU A 373 -2.89 -17.74 -31.42
CA LEU A 373 -4.07 -16.92 -31.18
C LEU A 373 -4.05 -15.66 -32.06
N LEU A 374 -5.14 -15.43 -32.80
CA LEU A 374 -5.27 -14.24 -33.65
C LEU A 374 -5.46 -12.98 -32.82
N GLU A 375 -4.58 -11.99 -33.07
CA GLU A 375 -4.56 -10.70 -32.40
C GLU A 375 -5.78 -9.83 -32.66
N LYS A 376 -6.27 -9.80 -33.92
CA LYS A 376 -7.35 -8.95 -34.42
C LYS A 376 -8.48 -8.62 -33.41
N LYS A 377 -9.18 -9.64 -32.90
CA LYS A 377 -10.33 -9.41 -32.00
C LYS A 377 -9.92 -8.82 -30.65
N ILE A 378 -8.67 -9.05 -30.21
CA ILE A 378 -8.15 -8.51 -28.95
C ILE A 378 -7.87 -7.02 -29.16
N THR A 379 -7.15 -6.68 -30.25
CA THR A 379 -6.85 -5.31 -30.66
C THR A 379 -8.13 -4.52 -30.89
N GLN A 380 -9.13 -5.10 -31.61
CA GLN A 380 -10.39 -4.43 -31.89
C GLN A 380 -11.15 -4.09 -30.61
N TRP A 381 -11.18 -5.02 -29.63
CA TRP A 381 -11.84 -4.81 -28.34
C TRP A 381 -11.12 -3.72 -27.55
N LEU A 382 -9.79 -3.74 -27.57
CA LEU A 382 -9.02 -2.72 -26.87
C LEU A 382 -9.21 -1.31 -27.46
N GLU A 383 -9.16 -1.20 -28.79
CA GLU A 383 -9.31 0.07 -29.49
C GLU A 383 -10.72 0.62 -29.47
N THR A 384 -11.73 -0.24 -29.44
CA THR A 384 -13.11 0.26 -29.42
C THR A 384 -13.70 0.36 -28.02
N LYS A 385 -13.34 -0.57 -27.13
CA LYS A 385 -13.95 -0.64 -25.79
C LYS A 385 -13.03 -0.43 -24.59
N GLY A 386 -11.72 -0.63 -24.78
CA GLY A 386 -10.69 -0.59 -23.74
C GLY A 386 -10.76 0.53 -22.72
N VAL A 387 -10.80 1.79 -23.19
CA VAL A 387 -10.90 2.95 -22.30
C VAL A 387 -12.21 2.91 -21.50
N GLU A 388 -13.34 2.66 -22.17
CA GLU A 388 -14.64 2.56 -21.50
C GLU A 388 -14.56 1.45 -20.42
N ARG A 389 -13.91 0.32 -20.76
CA ARG A 389 -13.75 -0.81 -19.83
C ARG A 389 -12.83 -0.46 -18.65
N LEU A 390 -11.81 0.42 -18.86
CA LEU A 390 -10.91 0.90 -17.78
C LEU A 390 -11.65 1.78 -16.76
N LYS A 391 -12.58 2.63 -17.24
CA LYS A 391 -13.41 3.54 -16.43
C LYS A 391 -14.39 2.80 -15.49
N ARG A 392 -14.65 1.50 -15.75
CA ARG A 392 -15.54 0.65 -14.96
C ARG A 392 -14.77 0.10 -13.76
N MET A 393 -13.52 0.54 -13.56
CA MET A 393 -12.66 -0.02 -12.51
C MET A 393 -12.04 0.98 -11.61
N ALA A 394 -11.70 0.56 -10.38
CA ALA A 394 -10.92 1.35 -9.44
C ALA A 394 -9.85 0.34 -9.03
N ILE A 395 -8.58 0.65 -9.34
CA ILE A 395 -7.46 -0.28 -9.15
C ILE A 395 -6.35 0.38 -8.40
N SER A 396 -6.00 -0.17 -7.24
CA SER A 396 -4.90 0.34 -6.42
C SER A 396 -4.00 -0.85 -6.08
N GLY A 397 -2.90 -0.98 -6.80
CA GLY A 397 -1.99 -2.11 -6.63
C GLY A 397 -2.75 -3.40 -6.85
N ASP A 398 -2.73 -4.31 -5.89
CA ASP A 398 -3.48 -5.58 -6.03
C ASP A 398 -4.99 -5.43 -5.70
N ASP A 399 -5.42 -4.26 -5.18
CA ASP A 399 -6.82 -3.97 -4.85
C ASP A 399 -7.56 -3.55 -6.10
N CYS A 400 -8.68 -4.18 -6.39
CA CYS A 400 -9.47 -3.88 -7.58
C CYS A 400 -10.95 -3.93 -7.31
N VAL A 401 -11.68 -3.08 -8.01
CA VAL A 401 -13.15 -3.07 -8.02
C VAL A 401 -13.48 -3.01 -9.49
N VAL A 402 -14.32 -3.91 -9.98
CA VAL A 402 -14.65 -3.93 -11.40
C VAL A 402 -16.16 -3.98 -11.54
N LYS A 403 -16.76 -3.15 -12.41
CA LYS A 403 -18.19 -3.23 -12.70
C LYS A 403 -18.29 -3.66 -14.17
N PRO A 404 -18.31 -4.98 -14.45
CA PRO A 404 -18.33 -5.43 -15.87
C PRO A 404 -19.64 -5.07 -16.57
N ILE A 405 -19.71 -5.26 -17.90
CA ILE A 405 -20.91 -4.92 -18.67
C ILE A 405 -22.11 -5.81 -18.25
N ASP A 406 -21.83 -7.01 -17.65
CA ASP A 406 -22.85 -7.95 -17.15
C ASP A 406 -22.22 -8.92 -16.14
N ASP A 407 -22.96 -9.93 -15.65
CA ASP A 407 -22.40 -10.81 -14.62
C ASP A 407 -21.72 -12.08 -15.17
N ARG A 408 -21.49 -12.21 -16.49
CA ARG A 408 -20.73 -13.36 -17.02
C ARG A 408 -19.32 -13.39 -16.42
N PHE A 409 -18.79 -12.19 -16.09
CA PHE A 409 -17.51 -11.93 -15.41
C PHE A 409 -17.36 -12.79 -14.12
N ALA A 410 -18.44 -12.97 -13.36
CA ALA A 410 -18.42 -13.75 -12.11
C ALA A 410 -17.80 -15.15 -12.32
N ASN A 411 -18.13 -15.74 -13.47
CA ASN A 411 -17.69 -17.09 -13.83
C ASN A 411 -16.55 -17.09 -14.85
N ALA A 412 -16.02 -15.92 -15.24
CA ALA A 412 -14.95 -15.85 -16.23
C ALA A 412 -13.67 -15.94 -15.42
N LEU A 413 -13.23 -17.17 -15.10
CA LEU A 413 -12.05 -17.43 -14.26
C LEU A 413 -10.88 -18.09 -14.95
N LEU A 414 -11.02 -18.47 -16.21
CA LEU A 414 -9.94 -19.23 -16.90
C LEU A 414 -8.63 -18.43 -17.01
N ALA A 415 -8.70 -17.21 -17.58
CA ALA A 415 -7.54 -16.35 -17.75
C ALA A 415 -7.02 -15.88 -16.42
N LEU A 416 -7.92 -15.50 -15.45
CA LEU A 416 -7.51 -14.98 -14.12
C LEU A 416 -6.64 -16.01 -13.36
N ASN A 417 -7.12 -17.25 -13.27
CA ASN A 417 -6.33 -18.31 -12.64
C ASN A 417 -5.10 -18.62 -13.48
N ASP A 418 -5.24 -18.63 -14.83
CA ASP A 418 -4.11 -18.97 -15.71
C ASP A 418 -2.96 -17.95 -15.65
N MET A 419 -3.27 -16.66 -15.48
CA MET A 419 -2.28 -15.58 -15.29
C MET A 419 -1.59 -15.69 -13.93
N GLY A 420 -2.10 -16.55 -13.06
CA GLY A 420 -1.57 -16.77 -11.71
C GLY A 420 -2.23 -15.95 -10.63
N LYS A 421 -3.22 -15.14 -11.01
CA LYS A 421 -3.91 -14.27 -10.05
C LYS A 421 -5.09 -15.00 -9.39
N VAL A 422 -4.74 -16.09 -8.68
CA VAL A 422 -5.69 -16.97 -7.97
C VAL A 422 -6.29 -16.20 -6.79
N ARG A 423 -7.63 -16.19 -6.70
CA ARG A 423 -8.35 -15.48 -5.65
C ARG A 423 -8.14 -16.12 -4.29
N LYS A 424 -8.11 -15.31 -3.23
CA LYS A 424 -7.89 -15.77 -1.85
C LYS A 424 -9.13 -16.50 -1.31
N ASP A 425 -8.91 -17.58 -0.52
CA ASP A 425 -9.93 -18.33 0.25
C ASP A 425 -11.25 -18.68 -0.48
N ILE A 426 -11.14 -19.24 -1.66
CA ILE A 426 -12.29 -19.65 -2.48
C ILE A 426 -11.78 -20.73 -3.45
N PRO A 427 -12.56 -21.82 -3.72
CA PRO A 427 -12.10 -22.80 -4.72
C PRO A 427 -11.86 -22.09 -6.07
N GLN A 428 -10.80 -22.46 -6.81
CA GLN A 428 -10.42 -21.81 -8.08
C GLN A 428 -11.58 -21.56 -9.04
N TRP A 429 -12.54 -22.50 -9.11
CA TRP A 429 -13.61 -22.44 -10.10
C TRP A 429 -14.96 -22.04 -9.54
N GLN A 430 -15.03 -21.65 -8.27
CA GLN A 430 -16.31 -21.15 -7.72
C GLN A 430 -16.54 -19.71 -8.24
N PRO A 431 -17.71 -19.40 -8.82
CA PRO A 431 -17.95 -18.01 -9.29
C PRO A 431 -17.74 -16.96 -8.20
N SER A 432 -17.23 -15.80 -8.60
CA SER A 432 -17.03 -14.69 -7.68
C SER A 432 -18.39 -14.16 -7.28
N LYS A 433 -18.47 -13.63 -6.09
CA LYS A 433 -19.69 -12.96 -5.61
C LYS A 433 -19.45 -11.44 -5.68
N GLY A 434 -20.28 -10.76 -6.46
CA GLY A 434 -20.24 -9.31 -6.59
C GLY A 434 -21.27 -8.64 -5.70
N TRP A 435 -21.24 -7.30 -5.66
CA TRP A 435 -22.18 -6.49 -4.87
C TRP A 435 -23.02 -5.63 -5.74
N HIS A 436 -24.30 -5.51 -5.38
CA HIS A 436 -25.25 -4.65 -6.02
C HIS A 436 -25.34 -3.28 -5.36
N ASP A 437 -24.70 -3.11 -4.18
CA ASP A 437 -24.64 -1.78 -3.50
C ASP A 437 -23.16 -1.41 -3.38
N TRP A 438 -22.71 -0.33 -4.05
CA TRP A 438 -21.31 0.14 -3.96
C TRP A 438 -20.86 0.37 -2.50
N GLN A 439 -21.82 0.61 -1.59
CA GLN A 439 -21.55 0.86 -0.17
C GLN A 439 -21.09 -0.39 0.58
N GLN A 440 -21.34 -1.57 -0.01
CA GLN A 440 -20.92 -2.86 0.56
C GLN A 440 -19.56 -3.29 0.01
N VAL A 441 -19.12 -2.68 -1.09
CA VAL A 441 -17.88 -3.03 -1.78
C VAL A 441 -16.63 -2.74 -0.95
N PRO A 442 -15.81 -3.79 -0.66
CA PRO A 442 -14.54 -3.56 0.04
C PRO A 442 -13.46 -3.06 -0.95
N PHE A 443 -12.69 -2.06 -0.52
CA PHE A 443 -11.63 -1.47 -1.32
C PHE A 443 -10.68 -0.74 -0.39
N CYS A 444 -9.37 -1.05 -0.49
CA CYS A 444 -8.26 -0.47 0.25
C CYS A 444 -8.49 -0.48 1.76
N SER A 445 -8.92 -1.66 2.26
CA SER A 445 -9.21 -1.95 3.67
C SER A 445 -10.43 -1.20 4.22
N HIS A 446 -11.24 -0.62 3.31
CA HIS A 446 -12.40 0.13 3.72
C HIS A 446 -13.65 -0.21 2.93
N HIS A 447 -14.77 0.36 3.39
CA HIS A 447 -16.04 0.43 2.69
C HIS A 447 -16.45 1.90 2.88
N PHE A 448 -17.46 2.33 2.14
CA PHE A 448 -17.79 3.75 2.12
C PHE A 448 -19.25 3.95 2.29
N HIS A 449 -19.64 4.90 3.15
CA HIS A 449 -21.06 5.15 3.40
C HIS A 449 -21.45 6.51 2.84
N GLU A 450 -22.67 6.60 2.30
CA GLU A 450 -23.24 7.86 1.87
C GLU A 450 -24.03 8.40 3.06
N LEU A 451 -23.72 9.63 3.50
CA LEU A 451 -24.39 10.30 4.63
C LEU A 451 -25.16 11.49 4.13
N ILE A 452 -26.31 11.77 4.75
CA ILE A 452 -27.15 12.94 4.47
C ILE A 452 -26.89 13.88 5.64
N MET A 453 -26.45 15.10 5.33
CA MET A 453 -26.17 16.09 6.36
C MET A 453 -27.51 16.72 6.77
N LYS A 454 -27.58 17.35 7.98
CA LYS A 454 -28.81 18.04 8.42
C LYS A 454 -29.35 19.06 7.37
N ASP A 455 -28.45 19.63 6.52
CA ASP A 455 -28.83 20.60 5.48
C ASP A 455 -29.19 19.95 4.14
N GLY A 456 -29.34 18.62 4.12
CA GLY A 456 -29.67 17.89 2.90
C GLY A 456 -28.51 17.56 1.97
N ARG A 457 -27.31 18.09 2.22
CA ARG A 457 -26.21 17.74 1.31
C ARG A 457 -25.69 16.30 1.61
N LYS A 458 -25.10 15.65 0.63
CA LYS A 458 -24.61 14.28 0.84
C LYS A 458 -23.10 14.21 0.91
N LEU A 459 -22.58 13.35 1.79
CA LEU A 459 -21.15 13.08 1.91
C LEU A 459 -20.94 11.59 1.66
N VAL A 460 -19.77 11.19 1.11
CA VAL A 460 -19.43 9.77 0.92
C VAL A 460 -18.15 9.64 1.77
N VAL A 461 -18.25 8.88 2.86
CA VAL A 461 -17.16 8.77 3.85
C VAL A 461 -16.48 7.40 3.90
N PRO A 462 -15.18 7.35 4.29
CA PRO A 462 -14.52 6.05 4.45
C PRO A 462 -14.84 5.43 5.80
N CYS A 463 -14.87 4.10 5.88
CA CYS A 463 -15.21 3.43 7.12
C CYS A 463 -14.54 2.04 7.13
N ARG A 464 -14.30 1.51 8.34
CA ARG A 464 -13.79 0.14 8.52
C ARG A 464 -14.26 -0.37 9.89
N PRO A 465 -14.17 -1.67 10.26
CA PRO A 465 -14.59 -2.08 11.62
C PRO A 465 -13.82 -1.23 12.62
N GLN A 466 -14.54 -0.64 13.56
CA GLN A 466 -13.97 0.32 14.53
C GLN A 466 -12.80 -0.20 15.38
N ASP A 467 -12.75 -1.52 15.70
CA ASP A 467 -11.69 -2.12 16.52
C ASP A 467 -10.36 -2.02 15.84
N GLU A 468 -10.37 -2.05 14.51
CA GLU A 468 -9.14 -1.94 13.72
C GLU A 468 -8.59 -0.51 13.87
N LEU A 469 -9.47 0.48 13.94
CA LEU A 469 -9.07 1.90 14.05
C LEU A 469 -8.53 2.19 15.45
N ILE A 470 -9.29 1.77 16.49
CA ILE A 470 -8.90 1.91 17.90
C ILE A 470 -7.63 1.10 18.18
N GLY A 471 -7.59 -0.15 17.72
CA GLY A 471 -6.44 -1.04 17.89
C GLY A 471 -5.15 -0.47 17.31
N ARG A 472 -5.23 0.16 16.14
CA ARG A 472 -4.07 0.78 15.51
C ARG A 472 -3.58 2.01 16.30
N ALA A 473 -4.52 2.88 16.77
CA ALA A 473 -4.21 4.11 17.52
C ALA A 473 -3.54 3.83 18.85
N ARG A 474 -3.83 2.67 19.46
CA ARG A 474 -3.26 2.28 20.74
C ARG A 474 -1.82 1.77 20.65
N ILE A 475 -1.25 1.68 19.45
CA ILE A 475 0.11 1.21 19.22
C ILE A 475 1.07 2.38 18.93
N SER A 476 2.20 2.40 19.63
CA SER A 476 3.26 3.37 19.39
C SER A 476 4.37 2.62 18.63
N GLN A 477 4.93 3.23 17.57
CA GLN A 477 5.97 2.61 16.74
C GLN A 477 7.36 2.68 17.39
N GLY A 478 7.88 1.49 17.75
CA GLY A 478 9.18 1.32 18.39
C GLY A 478 9.12 1.41 19.91
N ALA A 479 10.15 2.02 20.52
CA ALA A 479 10.27 2.23 21.97
C ALA A 479 11.14 3.45 22.30
N GLY A 480 11.23 3.77 23.60
CA GLY A 480 12.01 4.89 24.12
C GLY A 480 11.42 6.25 23.83
N TRP A 481 10.09 6.29 23.62
CA TRP A 481 9.35 7.50 23.31
C TRP A 481 8.84 8.16 24.58
N SER A 482 9.09 9.47 24.71
CA SER A 482 8.64 10.28 25.84
C SER A 482 7.11 10.44 25.82
N LEU A 483 6.52 10.84 26.96
CA LEU A 483 5.09 11.11 27.06
C LEU A 483 4.69 12.14 25.99
N ARG A 484 5.55 13.18 25.78
CA ARG A 484 5.39 14.24 24.78
C ARG A 484 5.16 13.65 23.38
N GLU A 485 6.09 12.79 22.92
CA GLU A 485 6.05 12.12 21.61
C GLU A 485 4.84 11.18 21.49
N THR A 486 4.52 10.47 22.59
CA THR A 486 3.38 9.53 22.70
C THR A 486 2.03 10.26 22.55
N ALA A 487 1.92 11.42 23.21
CA ALA A 487 0.74 12.27 23.20
C ALA A 487 0.54 12.85 21.80
N CYS A 488 1.64 13.28 21.15
CA CYS A 488 1.61 13.87 19.80
C CYS A 488 1.16 12.85 18.74
N LEU A 489 1.58 11.57 18.87
CA LEU A 489 1.14 10.53 17.95
C LEU A 489 -0.34 10.23 18.21
N GLY A 490 -0.73 10.23 19.49
CA GLY A 490 -2.12 10.06 19.90
C GLY A 490 -2.98 11.15 19.31
N LYS A 491 -2.46 12.40 19.32
CA LYS A 491 -3.13 13.57 18.75
C LYS A 491 -3.29 13.39 17.22
N ALA A 492 -2.25 12.88 16.55
CA ALA A 492 -2.28 12.58 15.11
C ALA A 492 -3.43 11.61 14.79
N TYR A 493 -3.56 10.51 15.57
CA TYR A 493 -4.63 9.51 15.43
C TYR A 493 -5.99 10.14 15.63
N ALA A 494 -6.14 10.96 16.70
CA ALA A 494 -7.38 11.68 17.02
C ALA A 494 -7.82 12.60 15.88
N GLN A 495 -6.88 13.37 15.33
CA GLN A 495 -7.17 14.32 14.27
C GLN A 495 -7.44 13.61 12.94
N MET A 496 -6.83 12.42 12.72
CA MET A 496 -7.14 11.60 11.53
C MET A 496 -8.60 11.17 11.66
N TRP A 497 -9.03 10.75 12.86
CA TRP A 497 -10.43 10.36 13.12
C TRP A 497 -11.38 11.53 12.93
N SER A 498 -10.98 12.76 13.36
CA SER A 498 -11.80 13.96 13.16
C SER A 498 -12.05 14.21 11.70
N LEU A 499 -11.05 13.88 10.84
CA LEU A 499 -11.14 14.18 9.41
C LEU A 499 -11.70 13.09 8.54
N MET A 500 -11.40 11.83 8.86
CA MET A 500 -11.83 10.69 8.04
C MET A 500 -12.94 9.86 8.67
N TYR A 501 -12.94 9.75 10.01
CA TYR A 501 -13.88 8.87 10.71
C TYR A 501 -14.75 9.59 11.77
N PHE A 502 -15.03 10.90 11.55
CA PHE A 502 -15.84 11.78 12.40
C PHE A 502 -17.28 11.25 12.53
N HIS A 503 -17.71 10.42 11.56
CA HIS A 503 -19.05 9.86 11.47
C HIS A 503 -19.24 8.65 12.41
N ARG A 504 -18.19 8.28 13.14
CA ARG A 504 -18.22 7.18 14.11
C ARG A 504 -18.29 7.82 15.50
N ARG A 505 -19.43 7.65 16.21
CA ARG A 505 -19.69 8.26 17.52
C ARG A 505 -18.57 8.10 18.52
N ASP A 506 -18.08 6.85 18.72
CA ASP A 506 -16.98 6.58 19.66
C ASP A 506 -15.69 7.24 19.25
N LEU A 507 -15.45 7.36 17.92
CA LEU A 507 -14.19 7.98 17.46
C LEU A 507 -14.25 9.48 17.58
N ARG A 508 -15.42 10.11 17.35
CA ARG A 508 -15.50 11.55 17.59
C ARG A 508 -15.30 11.86 19.09
N LEU A 509 -15.90 11.06 19.97
CA LEU A 509 -15.78 11.20 21.42
C LEU A 509 -14.32 11.01 21.86
N ALA A 510 -13.70 9.84 21.54
CA ALA A 510 -12.30 9.60 21.90
C ALA A 510 -11.38 10.68 21.32
N SER A 511 -11.62 11.12 20.08
CA SER A 511 -10.82 12.15 19.39
C SER A 511 -10.86 13.46 20.18
N ASN A 512 -12.06 13.87 20.61
CA ASN A 512 -12.27 15.08 21.42
C ASN A 512 -11.60 14.92 22.78
N ALA A 513 -11.66 13.71 23.37
CA ALA A 513 -10.98 13.44 24.64
C ALA A 513 -9.45 13.53 24.48
N ILE A 514 -8.87 12.93 23.42
CA ILE A 514 -7.42 12.97 23.18
C ILE A 514 -6.96 14.43 22.94
N CYS A 515 -7.70 15.19 22.13
CA CYS A 515 -7.35 16.58 21.81
C CYS A 515 -7.53 17.53 23.00
N SER A 516 -8.39 17.17 23.95
CA SER A 516 -8.60 17.89 25.20
C SER A 516 -7.46 17.59 26.18
N ALA A 517 -6.84 16.40 26.10
CA ALA A 517 -5.80 15.90 27.01
C ALA A 517 -4.38 16.25 26.61
N VAL A 518 -4.19 16.62 25.34
CA VAL A 518 -2.90 16.94 24.75
C VAL A 518 -2.79 18.48 24.55
N PRO A 519 -1.65 19.11 24.92
CA PRO A 519 -1.52 20.57 24.72
C PRO A 519 -1.81 21.00 23.27
N VAL A 520 -2.65 22.04 23.12
CA VAL A 520 -3.12 22.64 21.85
C VAL A 520 -2.03 22.91 20.84
N HIS A 521 -0.90 23.45 21.31
CA HIS A 521 0.20 23.89 20.44
C HIS A 521 1.19 22.79 20.11
N TRP A 522 1.01 21.60 20.72
CA TRP A 522 1.87 20.45 20.42
C TRP A 522 1.49 19.92 19.04
N VAL A 523 2.46 19.88 18.15
CA VAL A 523 2.30 19.50 16.75
C VAL A 523 2.29 17.98 16.67
N PRO A 524 1.29 17.35 16.00
CA PRO A 524 1.34 15.89 15.86
C PRO A 524 2.60 15.49 15.11
N THR A 525 3.38 14.61 15.73
CA THR A 525 4.64 14.10 15.19
C THR A 525 4.40 12.62 14.88
N SER A 526 5.18 12.07 13.94
CA SER A 526 5.11 10.69 13.46
C SER A 526 3.80 10.41 12.74
N ARG A 527 3.85 9.52 11.75
CA ARG A 527 2.69 9.18 10.94
C ARG A 527 1.75 8.15 11.58
N THR A 528 0.46 8.24 11.23
CA THR A 528 -0.55 7.31 11.70
C THR A 528 -0.60 6.08 10.77
N THR A 529 -0.07 6.25 9.53
CA THR A 529 -0.07 5.26 8.45
C THR A 529 0.94 5.60 7.37
N TRP A 530 1.32 4.57 6.59
CA TRP A 530 2.21 4.69 5.43
C TRP A 530 1.35 4.49 4.16
N SER A 531 0.01 4.47 4.30
CA SER A 531 -0.92 4.28 3.18
C SER A 531 -0.71 5.33 2.08
N ILE A 532 -0.73 4.88 0.81
CA ILE A 532 -0.59 5.77 -0.34
C ILE A 532 -1.79 6.71 -0.45
N HIS A 533 -2.91 6.34 0.22
CA HIS A 533 -4.15 7.09 0.23
C HIS A 533 -4.21 8.16 1.31
N ALA A 534 -3.24 8.16 2.25
CA ALA A 534 -3.20 9.15 3.33
C ALA A 534 -2.53 10.43 2.86
N HIS A 535 -3.26 11.56 2.96
CA HIS A 535 -2.71 12.86 2.59
C HIS A 535 -2.28 13.64 3.84
N HIS A 536 -2.50 13.05 5.03
CA HIS A 536 -2.04 13.54 6.32
C HIS A 536 -2.47 14.99 6.61
N GLN A 537 -3.75 15.34 6.32
CA GLN A 537 -4.31 16.68 6.58
C GLN A 537 -4.45 16.93 8.07
N TRP A 538 -4.36 15.86 8.90
CA TRP A 538 -4.46 15.90 10.35
C TRP A 538 -3.12 16.20 11.06
N MET A 539 -2.05 16.28 10.29
CA MET A 539 -0.71 16.53 10.79
C MET A 539 -0.51 18.04 10.87
N THR A 540 -1.27 18.69 11.77
CA THR A 540 -1.31 20.13 11.91
C THR A 540 -1.84 20.56 13.28
N THR A 541 -1.73 21.87 13.58
CA THR A 541 -2.30 22.49 14.78
C THR A 541 -3.42 23.44 14.35
N GLU A 542 -3.70 23.48 13.03
CA GLU A 542 -4.82 24.24 12.51
C GLU A 542 -6.10 23.60 13.09
N ASP A 543 -7.15 24.42 13.29
CA ASP A 543 -8.44 23.97 13.82
C ASP A 543 -9.01 22.85 12.92
N MET A 544 -9.36 21.70 13.53
CA MET A 544 -9.87 20.52 12.80
C MET A 544 -11.16 20.76 12.05
N LEU A 545 -12.04 21.62 12.56
CA LEU A 545 -13.27 21.97 11.84
C LEU A 545 -12.95 22.79 10.58
N THR A 546 -11.87 23.62 10.61
CA THR A 546 -11.43 24.40 9.44
C THR A 546 -10.88 23.43 8.39
N VAL A 547 -10.08 22.46 8.85
CA VAL A 547 -9.50 21.42 7.97
C VAL A 547 -10.63 20.56 7.40
N TRP A 548 -11.61 20.16 8.25
CA TRP A 548 -12.75 19.36 7.80
C TRP A 548 -13.46 20.05 6.63
N ASN A 549 -13.79 21.35 6.79
CA ASN A 549 -14.45 22.18 5.77
C ASN A 549 -13.69 22.25 4.48
N ARG A 550 -12.37 22.39 4.57
CA ARG A 550 -11.51 22.45 3.40
C ARG A 550 -11.59 21.12 2.61
N VAL A 551 -11.42 19.97 3.30
CA VAL A 551 -11.44 18.64 2.67
C VAL A 551 -12.84 18.25 2.16
N TRP A 552 -13.87 18.39 3.01
CA TRP A 552 -15.19 17.86 2.68
C TRP A 552 -16.11 18.80 1.96
N ILE A 553 -15.82 20.11 2.00
CA ILE A 553 -16.66 21.10 1.36
C ILE A 553 -15.88 21.82 0.26
N GLU A 554 -14.94 22.72 0.65
CA GLU A 554 -14.21 23.54 -0.31
C GLU A 554 -13.53 22.79 -1.44
N GLU A 555 -12.61 21.88 -1.10
CA GLU A 555 -11.83 21.19 -2.13
C GLU A 555 -12.49 19.91 -2.64
N ASN A 556 -13.69 19.56 -2.12
CA ASN A 556 -14.41 18.36 -2.53
C ASN A 556 -15.10 18.56 -3.88
N PRO A 557 -14.67 17.92 -4.99
CA PRO A 557 -15.35 18.16 -6.28
C PRO A 557 -16.74 17.59 -6.38
N TRP A 558 -17.13 16.69 -5.45
CA TRP A 558 -18.47 16.12 -5.41
C TRP A 558 -19.42 16.93 -4.51
N MET A 559 -18.94 18.07 -3.98
CA MET A 559 -19.74 18.98 -3.14
C MET A 559 -20.01 20.26 -3.97
N GLU A 560 -21.17 20.30 -4.64
CA GLU A 560 -21.54 21.44 -5.50
C GLU A 560 -21.76 22.71 -4.68
N ASP A 561 -22.44 22.58 -3.54
CA ASP A 561 -22.75 23.67 -2.64
C ASP A 561 -21.59 23.84 -1.64
N LYS A 562 -20.89 24.98 -1.74
CA LYS A 562 -19.71 25.24 -0.91
C LYS A 562 -19.98 25.94 0.42
N THR A 563 -21.21 25.87 0.91
CA THR A 563 -21.55 26.48 2.20
C THR A 563 -20.75 25.83 3.30
N PRO A 564 -19.97 26.62 4.06
CA PRO A 564 -19.22 26.02 5.17
C PRO A 564 -20.13 25.49 6.29
N VAL A 565 -19.62 24.47 6.98
CA VAL A 565 -20.23 23.85 8.15
C VAL A 565 -19.58 24.61 9.29
N THR A 566 -20.39 25.32 10.07
CA THR A 566 -19.87 26.20 11.12
C THR A 566 -19.70 25.56 12.48
N THR A 567 -20.32 24.39 12.67
CA THR A 567 -20.21 23.66 13.94
C THR A 567 -20.09 22.14 13.68
N TRP A 568 -19.41 21.42 14.60
CA TRP A 568 -19.29 19.96 14.59
C TRP A 568 -20.69 19.35 14.77
N GLU A 569 -21.65 20.14 15.33
CA GLU A 569 -23.03 19.71 15.50
C GLU A 569 -23.67 19.50 14.12
N ASN A 570 -23.10 20.12 13.10
CA ASN A 570 -23.60 19.99 11.74
C ASN A 570 -22.73 19.02 10.93
N VAL A 571 -21.74 18.37 11.60
CA VAL A 571 -20.90 17.35 10.94
C VAL A 571 -21.63 16.02 11.24
N PRO A 572 -22.17 15.33 10.21
CA PRO A 572 -23.01 14.15 10.48
C PRO A 572 -22.30 12.89 10.98
N TYR A 573 -23.10 12.02 11.58
CA TYR A 573 -22.70 10.70 12.06
C TYR A 573 -23.35 9.69 11.14
N LEU A 574 -22.82 8.46 11.15
CA LEU A 574 -23.51 7.36 10.49
C LEU A 574 -24.82 7.19 11.27
N GLY A 575 -25.82 6.60 10.63
CA GLY A 575 -27.05 6.19 11.29
C GLY A 575 -26.60 5.28 12.43
N LYS A 576 -27.28 5.35 13.58
CA LYS A 576 -26.92 4.58 14.77
C LYS A 576 -26.75 3.08 14.49
N ARG A 577 -27.67 2.50 13.73
CA ARG A 577 -27.62 1.07 13.40
C ARG A 577 -26.36 0.73 12.57
N GLU A 578 -25.98 1.57 11.58
CA GLU A 578 -24.77 1.41 10.76
C GLU A 578 -23.55 1.57 11.61
N ASP A 579 -23.57 2.52 12.56
CA ASP A 579 -22.43 2.76 13.43
C ASP A 579 -22.22 1.48 14.25
N GLN A 580 -23.31 0.90 14.77
CA GLN A 580 -23.30 -0.37 15.52
C GLN A 580 -22.84 -1.54 14.64
N TRP A 581 -23.39 -1.67 13.41
CA TRP A 581 -22.98 -2.74 12.48
C TRP A 581 -21.46 -2.63 12.17
N CYS A 582 -20.91 -1.39 12.20
CA CYS A 582 -19.49 -1.23 11.94
C CYS A 582 -18.63 -1.19 13.21
N GLY A 583 -19.18 -1.68 14.30
CA GLY A 583 -18.42 -1.91 15.53
C GLY A 583 -18.57 -0.99 16.71
N SER A 584 -19.46 0.04 16.61
CA SER A 584 -19.67 1.00 17.71
C SER A 584 -20.11 0.32 18.98
N LEU A 585 -19.64 0.85 20.13
CA LEU A 585 -20.07 0.33 21.43
C LEU A 585 -21.24 1.16 21.97
N ILE A 586 -21.82 2.08 21.13
CA ILE A 586 -22.95 2.91 21.55
C ILE A 586 -24.12 1.98 21.93
N GLY A 587 -24.77 2.28 23.05
CA GLY A 587 -25.85 1.43 23.54
C GLY A 587 -25.40 0.47 24.62
N LEU A 588 -24.07 0.33 24.83
CA LEU A 588 -23.54 -0.52 25.89
C LEU A 588 -23.30 0.33 27.13
N THR A 589 -23.43 -0.29 28.32
CA THR A 589 -23.27 0.35 29.63
C THR A 589 -21.84 0.84 29.84
N SER A 590 -20.85 -0.04 29.58
CA SER A 590 -19.41 0.26 29.70
C SER A 590 -19.05 1.53 28.91
N ARG A 591 -19.71 1.71 27.74
CA ARG A 591 -19.56 2.83 26.84
C ARG A 591 -20.16 4.09 27.47
N ALA A 592 -21.39 3.99 28.06
CA ALA A 592 -22.07 5.12 28.71
C ALA A 592 -21.29 5.60 29.94
N THR A 593 -20.70 4.66 30.69
CA THR A 593 -19.85 4.90 31.87
C THR A 593 -18.58 5.64 31.45
N TRP A 594 -17.92 5.20 30.37
CA TRP A 594 -16.70 5.81 29.83
C TRP A 594 -16.97 7.24 29.37
N ALA A 595 -18.07 7.44 28.65
CA ALA A 595 -18.50 8.72 28.11
C ALA A 595 -18.77 9.74 29.24
N GLN A 596 -19.47 9.29 30.30
CA GLN A 596 -19.84 10.07 31.48
C GLN A 596 -18.58 10.42 32.30
N ASN A 597 -17.61 9.51 32.35
CA ASN A 597 -16.41 9.68 33.16
C ASN A 597 -15.15 10.07 32.38
N ILE A 598 -15.27 10.38 31.06
CA ILE A 598 -14.12 10.77 30.25
C ILE A 598 -13.44 12.08 30.77
N PRO A 599 -14.15 13.14 31.31
CA PRO A 599 -13.42 14.31 31.83
C PRO A 599 -12.38 13.98 32.89
N THR A 600 -12.63 12.91 33.68
CA THR A 600 -11.72 12.39 34.73
C THR A 600 -10.44 11.86 34.08
N ALA A 601 -10.57 10.98 33.07
CA ALA A 601 -9.41 10.40 32.39
C ALA A 601 -8.58 11.48 31.68
N ILE A 602 -9.23 12.48 31.06
CA ILE A 602 -8.56 13.63 30.39
C ILE A 602 -7.72 14.37 31.42
N GLN A 603 -8.35 14.70 32.57
CA GLN A 603 -7.70 15.40 33.68
C GLN A 603 -6.48 14.62 34.20
N GLN A 604 -6.56 13.28 34.20
CA GLN A 604 -5.43 12.42 34.58
C GLN A 604 -4.27 12.55 33.60
N VAL A 605 -4.57 12.56 32.27
CA VAL A 605 -3.54 12.70 31.24
C VAL A 605 -2.91 14.09 31.40
N ARG A 606 -3.76 15.11 31.57
CA ARG A 606 -3.33 16.50 31.76
C ARG A 606 -2.36 16.64 32.93
N SER A 607 -2.69 16.04 34.10
CA SER A 607 -1.84 16.13 35.29
C SER A 607 -0.48 15.46 35.09
N LEU A 608 -0.40 14.42 34.24
CA LEU A 608 0.86 13.74 33.97
C LEU A 608 1.70 14.45 32.92
N ILE A 609 1.06 15.21 32.02
CA ILE A 609 1.71 16.04 31.01
C ILE A 609 2.23 17.32 31.72
N GLY A 610 1.44 17.86 32.65
CA GLY A 610 1.83 19.01 33.45
C GLY A 610 1.12 20.31 33.16
N ASN A 611 1.77 21.43 33.52
CA ASN A 611 1.24 22.78 33.31
C ASN A 611 1.52 23.26 31.88
N GLU A 612 0.55 23.00 31.00
CA GLU A 612 0.57 23.38 29.60
C GLU A 612 -0.78 24.00 29.25
N GLU A 613 -0.90 24.55 28.04
CA GLU A 613 -2.15 25.14 27.59
C GLU A 613 -3.02 24.02 26.98
N PHE A 614 -4.22 23.79 27.54
CA PHE A 614 -5.14 22.77 27.05
C PHE A 614 -6.47 23.40 26.69
N LEU A 615 -7.16 22.83 25.70
CA LEU A 615 -8.47 23.29 25.27
C LEU A 615 -9.48 22.15 25.52
N ASP A 616 -10.66 22.47 26.10
CA ASP A 616 -11.66 21.44 26.35
C ASP A 616 -12.60 21.33 25.15
N TYR A 617 -12.52 20.18 24.43
CA TYR A 617 -13.35 19.92 23.25
C TYR A 617 -14.64 19.17 23.58
N MET A 618 -14.80 18.74 24.84
CA MET A 618 -16.01 18.03 25.27
C MET A 618 -17.16 19.02 25.48
#